data_4CZG
#
_entry.id   4CZG
#
_cell.length_a   50.674
_cell.length_b   73.678
_cell.length_c   54.233
_cell.angle_alpha   90.00
_cell.angle_beta   102.39
_cell.angle_gamma   90.00
#
_symmetry.space_group_name_H-M   'P 1 21 1'
#
loop_
_entity.id
_entity.type
_entity.pdbx_description
1 polymer 'ROD SHAPE-DETERMINING PROTEIN MREB'
2 non-polymer '3,4-dichlorobenzyl carbamimidothioate'
3 non-polymer "ADENOSINE-5'-DIPHOSPHATE"
4 non-polymer 'MAGNESIUM ION'
5 water water
#
_entity_poly.entity_id   1
_entity_poly.type   'polypeptide(L)'
_entity_poly.pdbx_seq_one_letter_code
;MISNDIAIDLGTANTLIYQKGKGIVLNEPSVVALRNVGGRKVVHAVGIEAKQMLGRTPGHMEAIRPMRDGVIADFEVAEE
MIKYFIRKVHNRKGSGNPKVIVCVPSGATAVERRAINDSCLNAGARRVGLIDEPMAAAIGAGLPIHEPTGSMVVDIGGGT
TEVAVLSLSGIVYSRSVRVGGDKMDEAIISYMRRHHNLLIGETTAERIKKEIGTARAPADGEGLSIDVKGRDLMQGVPRE
VRISEKQAADALAEPVGQIVEAVKVALEATPPELASDIADKGIMLTGGGALLRGLDAEIRDHTGLPVTVADDPLSCVALG
CGKVLEHPKWMKGVLESTLAGSHHHHHH
;
_entity_poly.pdbx_strand_id   A
#
# COMPACT_ATOMS: atom_id res chain seq x y z
N ILE A 2 -18.98 0.78 -24.01
CA ILE A 2 -18.96 0.95 -22.54
C ILE A 2 -18.96 -0.40 -21.83
N SER A 3 -17.96 -0.60 -20.98
CA SER A 3 -17.67 -1.88 -20.35
C SER A 3 -17.76 -1.83 -18.83
N ASN A 4 -18.07 -2.96 -18.21
CA ASN A 4 -17.97 -3.06 -16.76
C ASN A 4 -16.76 -3.87 -16.33
N ASP A 5 -15.88 -4.16 -17.27
CA ASP A 5 -14.64 -4.89 -16.94
C ASP A 5 -13.73 -3.99 -16.10
N ILE A 6 -13.13 -4.58 -15.06
CA ILE A 6 -12.35 -3.77 -14.13
C ILE A 6 -11.09 -4.49 -13.69
N ALA A 7 -10.11 -3.70 -13.28
CA ALA A 7 -8.89 -4.21 -12.69
C ALA A 7 -8.75 -3.55 -11.33
N ILE A 8 -8.44 -4.37 -10.34
CA ILE A 8 -8.46 -3.92 -8.96
C ILE A 8 -7.10 -4.08 -8.26
N ASP A 9 -6.65 -2.97 -7.67
CA ASP A 9 -5.50 -2.94 -6.74
C ASP A 9 -6.10 -2.94 -5.33
N LEU A 10 -6.05 -4.11 -4.70
CA LEU A 10 -6.63 -4.31 -3.38
C LEU A 10 -5.53 -4.10 -2.34
N GLY A 11 -5.23 -2.85 -2.03
CA GLY A 11 -4.10 -2.49 -1.19
C GLY A 11 -4.37 -2.66 0.30
N THR A 12 -3.27 -2.77 1.06
CA THR A 12 -3.37 -2.82 2.51
C THR A 12 -3.99 -1.54 3.04
N ALA A 13 -3.73 -0.42 2.36
CA ALA A 13 -4.22 0.90 2.80
C ALA A 13 -5.21 1.57 1.85
N ASN A 14 -5.01 1.38 0.54
CA ASN A 14 -5.84 2.02 -0.47
C ASN A 14 -6.25 1.01 -1.51
N THR A 15 -7.50 1.11 -1.94
CA THR A 15 -8.00 0.28 -3.03
C THR A 15 -8.23 1.18 -4.23
N LEU A 16 -7.82 0.72 -5.40
CA LEU A 16 -8.02 1.48 -6.64
C LEU A 16 -8.69 0.57 -7.64
N ILE A 17 -9.63 1.09 -8.44
CA ILE A 17 -10.19 0.32 -9.53
C ILE A 17 -9.99 1.07 -10.82
N TYR A 18 -9.52 0.32 -11.80
CA TYR A 18 -9.42 0.77 -13.17
C TYR A 18 -10.53 0.11 -13.94
N GLN A 19 -11.26 0.92 -14.71
CA GLN A 19 -12.36 0.42 -15.52
C GLN A 19 -11.97 0.50 -16.97
N LYS A 20 -12.17 -0.59 -17.68
CA LYS A 20 -11.78 -0.68 -19.08
C LYS A 20 -12.38 0.48 -19.84
N GLY A 21 -11.55 1.18 -20.61
CA GLY A 21 -12.02 2.27 -21.43
C GLY A 21 -12.17 3.59 -20.71
N LYS A 22 -12.12 3.57 -19.39
CA LYS A 22 -12.27 4.80 -18.61
C LYS A 22 -10.98 5.21 -17.88
N GLY A 23 -10.29 4.24 -17.30
CA GLY A 23 -9.14 4.55 -16.45
C GLY A 23 -9.50 4.41 -14.99
N ILE A 24 -8.72 5.05 -14.12
CA ILE A 24 -8.94 4.87 -12.68
C ILE A 24 -10.20 5.60 -12.25
N VAL A 25 -11.17 4.85 -11.77
CA VAL A 25 -12.47 5.40 -11.41
C VAL A 25 -12.78 5.38 -9.93
N LEU A 26 -11.92 4.72 -9.15
CA LEU A 26 -12.08 4.68 -7.70
C LEU A 26 -10.70 4.62 -7.07
N ASN A 27 -10.52 5.38 -5.99
CA ASN A 27 -9.29 5.41 -5.20
C ASN A 27 -9.69 5.77 -3.76
N GLU A 28 -9.87 4.76 -2.90
CA GLU A 28 -10.40 4.97 -1.55
C GLU A 28 -9.67 4.10 -0.56
N PRO A 29 -9.62 4.54 0.69
CA PRO A 29 -8.98 3.73 1.73
C PRO A 29 -9.62 2.37 1.89
N SER A 30 -8.78 1.40 2.19
CA SER A 30 -9.15 0.02 2.37
C SER A 30 -9.62 -0.14 3.79
N VAL A 31 -10.73 0.52 4.10
CA VAL A 31 -11.21 0.62 5.48
C VAL A 31 -12.70 0.36 5.50
N VAL A 32 -13.15 -0.41 6.49
CA VAL A 32 -14.56 -0.67 6.71
C VAL A 32 -14.93 -0.28 8.13
N ALA A 33 -16.02 0.47 8.30
CA ALA A 33 -16.55 0.77 9.63
C ALA A 33 -17.72 -0.16 9.93
N LEU A 34 -17.72 -0.75 11.12
CA LEU A 34 -18.78 -1.68 11.55
C LEU A 34 -19.53 -1.11 12.75
N ARG A 35 -20.86 -1.32 12.77
CA ARG A 35 -21.70 -0.91 13.88
C ARG A 35 -22.29 -2.13 14.56
N ASN A 36 -22.21 -2.17 15.88
CA ASN A 36 -22.82 -3.26 16.63
C ASN A 36 -24.31 -3.06 16.78
N VAL A 37 -25.08 -4.02 16.27
CA VAL A 37 -26.51 -4.07 16.54
C VAL A 37 -26.89 -5.49 16.94
N GLY A 38 -27.67 -5.65 18.01
CA GLY A 38 -27.84 -6.95 18.62
C GLY A 38 -26.44 -7.42 19.00
N GLY A 39 -26.07 -8.64 18.61
CA GLY A 39 -24.72 -9.11 18.82
C GLY A 39 -24.01 -9.23 17.49
N ARG A 40 -24.54 -8.52 16.50
CA ARG A 40 -24.06 -8.62 15.16
C ARG A 40 -23.33 -7.33 14.80
N LYS A 41 -22.38 -7.45 13.89
CA LYS A 41 -21.73 -6.27 13.33
C LYS A 41 -22.29 -6.02 11.93
N VAL A 42 -22.71 -4.79 11.67
CA VAL A 42 -23.25 -4.43 10.37
C VAL A 42 -22.33 -3.40 9.74
N VAL A 43 -22.22 -3.42 8.42
CA VAL A 43 -21.36 -2.51 7.71
C VAL A 43 -22.01 -1.13 7.77
N HIS A 44 -21.27 -0.18 8.32
CA HIS A 44 -21.76 1.19 8.50
C HIS A 44 -21.21 2.10 7.41
N ALA A 45 -19.96 1.89 7.04
CA ALA A 45 -19.32 2.68 6.00
C ALA A 45 -18.09 1.98 5.43
N VAL A 46 -17.73 2.36 4.21
CA VAL A 46 -16.59 1.80 3.55
C VAL A 46 -15.84 2.90 2.83
N GLY A 47 -14.51 2.82 2.84
CA GLY A 47 -13.72 3.75 2.07
C GLY A 47 -13.44 5.05 2.81
N ILE A 48 -13.64 6.16 2.11
CA ILE A 48 -13.26 7.46 2.64
C ILE A 48 -13.83 7.80 4.03
N GLU A 49 -15.13 7.63 4.20
CA GLU A 49 -15.76 7.90 5.49
C GLU A 49 -15.24 6.98 6.59
N ALA A 50 -14.92 5.75 6.23
CA ALA A 50 -14.50 4.80 7.25
C ALA A 50 -13.14 5.20 7.79
N LYS A 51 -12.25 5.71 6.94
CA LYS A 51 -10.94 6.11 7.42
C LYS A 51 -11.03 7.28 8.37
N GLN A 52 -11.96 8.17 8.11
CA GLN A 52 -12.13 9.32 8.99
C GLN A 52 -12.58 8.88 10.35
N MET A 53 -13.18 7.70 10.45
CA MET A 53 -13.63 7.21 11.74
C MET A 53 -12.49 6.62 12.59
N LEU A 54 -11.33 6.32 11.99
CA LEU A 54 -10.21 5.73 12.74
C LEU A 54 -9.78 6.65 13.86
N GLY A 55 -9.76 6.09 15.06
CA GLY A 55 -9.43 6.85 16.23
C GLY A 55 -10.57 7.70 16.73
N ARG A 56 -11.74 7.64 16.09
CA ARG A 56 -12.84 8.58 16.40
C ARG A 56 -14.19 7.89 16.64
N THR A 57 -14.18 6.59 16.87
CA THR A 57 -15.44 5.85 16.94
C THR A 57 -16.08 5.89 18.31
N PRO A 58 -17.43 5.94 18.35
CA PRO A 58 -18.11 5.60 19.60
C PRO A 58 -17.92 4.12 19.93
N GLY A 59 -18.41 3.74 21.11
CA GLY A 59 -18.16 2.40 21.61
C GLY A 59 -18.82 1.31 20.79
N HIS A 60 -19.96 1.62 20.20
CA HIS A 60 -20.70 0.65 19.42
C HIS A 60 -20.25 0.61 17.95
N MET A 61 -19.10 1.20 17.65
CA MET A 61 -18.59 1.15 16.29
C MET A 61 -17.09 0.86 16.25
N GLU A 62 -16.62 0.33 15.13
CA GLU A 62 -15.20 0.12 14.93
C GLU A 62 -14.84 0.39 13.48
N ALA A 63 -13.59 0.80 13.26
CA ALA A 63 -13.12 0.95 11.91
C ALA A 63 -11.92 0.01 11.76
N ILE A 64 -11.93 -0.74 10.68
CA ILE A 64 -11.05 -1.86 10.51
C ILE A 64 -10.41 -1.80 9.11
N ARG A 65 -9.13 -2.15 9.04
CA ARG A 65 -8.43 -2.35 7.78
C ARG A 65 -8.27 -3.85 7.56
N PRO A 66 -9.13 -4.46 6.75
CA PRO A 66 -9.11 -5.93 6.75
C PRO A 66 -7.92 -6.54 5.98
N MET A 67 -7.15 -5.71 5.31
CA MET A 67 -5.97 -6.15 4.61
C MET A 67 -4.68 -5.56 5.18
N ARG A 68 -4.76 -5.03 6.40
CA ARG A 68 -3.75 -4.09 6.89
C ARG A 68 -2.31 -4.57 6.90
N ASP A 69 -2.09 -5.85 7.14
CA ASP A 69 -0.74 -6.38 7.17
C ASP A 69 -0.33 -7.20 5.93
N GLY A 70 -1.11 -7.09 4.86
CA GLY A 70 -0.80 -7.81 3.64
C GLY A 70 -1.38 -9.21 3.60
N VAL A 71 -2.16 -9.55 4.63
CA VAL A 71 -2.94 -10.77 4.65
C VAL A 71 -4.39 -10.39 4.88
N ILE A 72 -5.29 -11.32 4.56
CA ILE A 72 -6.72 -11.14 4.81
C ILE A 72 -6.99 -11.43 6.27
N ALA A 73 -7.25 -10.38 7.05
CA ALA A 73 -7.46 -10.56 8.49
C ALA A 73 -8.85 -11.00 8.84
N ASP A 74 -9.82 -10.62 8.03
CA ASP A 74 -11.21 -10.94 8.28
C ASP A 74 -11.85 -11.14 6.91
N PHE A 75 -12.18 -12.37 6.56
CA PHE A 75 -12.65 -12.66 5.21
C PHE A 75 -13.99 -12.01 4.90
N GLU A 76 -14.87 -11.95 5.89
CA GLU A 76 -16.17 -11.39 5.64
C GLU A 76 -16.07 -9.88 5.41
N VAL A 77 -15.28 -9.20 6.25
CA VAL A 77 -15.15 -7.76 6.12
C VAL A 77 -14.44 -7.45 4.82
N ALA A 78 -13.40 -8.23 4.48
CA ALA A 78 -12.73 -8.00 3.21
C ALA A 78 -13.73 -8.17 2.05
N GLU A 79 -14.53 -9.22 2.10
CA GLU A 79 -15.49 -9.45 1.02
C GLU A 79 -16.50 -8.29 0.91
N GLU A 80 -16.98 -7.81 2.02
CA GLU A 80 -17.88 -6.64 2.04
C GLU A 80 -17.22 -5.41 1.45
N MET A 81 -15.93 -5.23 1.72
CA MET A 81 -15.21 -4.09 1.20
C MET A 81 -15.14 -4.18 -0.32
N ILE A 82 -14.75 -5.36 -0.78
CA ILE A 82 -14.58 -5.61 -2.20
C ILE A 82 -15.90 -5.42 -2.95
N LYS A 83 -16.94 -6.06 -2.45
CA LYS A 83 -18.25 -5.93 -3.07
C LYS A 83 -18.75 -4.48 -3.07
N TYR A 84 -18.48 -3.73 -2.01
CA TYR A 84 -18.86 -2.34 -1.98
C TYR A 84 -18.20 -1.53 -3.09
N PHE A 85 -16.88 -1.70 -3.27
CA PHE A 85 -16.19 -0.91 -4.28
C PHE A 85 -16.58 -1.36 -5.69
N ILE A 86 -16.72 -2.66 -5.90
CA ILE A 86 -17.13 -3.17 -7.22
C ILE A 86 -18.50 -2.62 -7.59
N ARG A 87 -19.43 -2.67 -6.63
CA ARG A 87 -20.78 -2.18 -6.89
C ARG A 87 -20.79 -0.66 -7.12
N LYS A 88 -19.85 0.05 -6.49
CA LYS A 88 -19.82 1.49 -6.57
C LYS A 88 -19.49 1.99 -7.97
N VAL A 89 -18.69 1.21 -8.71
CA VAL A 89 -18.22 1.65 -10.03
C VAL A 89 -19.06 1.08 -11.16
N HIS A 90 -20.02 0.25 -10.80
CA HIS A 90 -20.80 -0.42 -11.82
C HIS A 90 -21.51 0.63 -12.67
N ASN A 91 -21.52 0.41 -13.99
CA ASN A 91 -22.12 1.33 -14.95
C ASN A 91 -23.30 0.64 -15.61
N ARG A 92 -24.51 1.09 -15.28
CA ARG A 92 -25.75 0.46 -15.79
C ARG A 92 -25.84 0.52 -17.32
N LYS A 93 -25.07 1.42 -17.91
CA LYS A 93 -25.04 1.57 -19.36
C LYS A 93 -24.01 0.64 -19.96
N GLY A 94 -23.26 -0.07 -19.11
CA GLY A 94 -22.20 -0.92 -19.61
C GLY A 94 -22.62 -2.35 -19.91
N SER A 95 -21.80 -3.06 -20.67
CA SER A 95 -22.00 -4.49 -20.87
C SER A 95 -21.96 -5.25 -19.53
N GLY A 96 -22.65 -6.38 -19.49
CA GLY A 96 -22.62 -7.30 -18.37
C GLY A 96 -21.47 -8.29 -18.46
N ASN A 97 -21.66 -9.44 -17.80
CA ASN A 97 -20.62 -10.45 -17.70
C ASN A 97 -19.24 -9.86 -17.50
N PRO A 98 -19.08 -9.06 -16.43
CA PRO A 98 -17.82 -8.36 -16.14
C PRO A 98 -16.66 -9.29 -15.96
N LYS A 99 -15.56 -8.99 -16.65
CA LYS A 99 -14.29 -9.62 -16.37
C LYS A 99 -13.57 -8.74 -15.32
N VAL A 100 -13.02 -9.39 -14.31
CA VAL A 100 -12.36 -8.68 -13.22
C VAL A 100 -10.98 -9.26 -13.06
N ILE A 101 -9.98 -8.39 -13.07
CA ILE A 101 -8.60 -8.77 -12.78
C ILE A 101 -8.28 -8.20 -11.41
N VAL A 102 -7.71 -9.02 -10.54
CA VAL A 102 -7.26 -8.51 -9.26
C VAL A 102 -5.77 -8.80 -9.10
N CYS A 103 -5.05 -7.80 -8.64
CA CYS A 103 -3.61 -7.95 -8.42
C CYS A 103 -3.34 -8.72 -7.14
N VAL A 104 -2.47 -9.75 -7.19
CA VAL A 104 -2.19 -10.55 -6.00
C VAL A 104 -0.70 -10.49 -5.62
N PRO A 105 -0.41 -10.03 -4.40
CA PRO A 105 0.99 -10.11 -3.95
C PRO A 105 1.51 -11.51 -3.90
N SER A 106 2.81 -11.64 -4.16
CA SER A 106 3.45 -12.95 -4.23
C SER A 106 3.15 -13.84 -3.03
N GLY A 107 3.05 -13.26 -1.84
CA GLY A 107 2.90 -14.06 -0.64
C GLY A 107 1.46 -14.50 -0.34
N ALA A 108 0.49 -14.00 -1.09
CA ALA A 108 -0.89 -14.44 -0.90
C ALA A 108 -0.99 -15.97 -0.99
N THR A 109 -1.78 -16.54 -0.10
CA THR A 109 -1.91 -17.98 -0.05
C THR A 109 -3.01 -18.45 -1.01
N ALA A 110 -3.05 -19.74 -1.25
CA ALA A 110 -4.13 -20.29 -2.06
C ALA A 110 -5.47 -19.97 -1.43
N VAL A 111 -5.56 -20.07 -0.10
CA VAL A 111 -6.81 -19.76 0.62
C VAL A 111 -7.24 -18.32 0.35
N GLU A 112 -6.30 -17.38 0.45
CA GLU A 112 -6.61 -15.97 0.19
C GLU A 112 -7.02 -15.70 -1.26
N ARG A 113 -6.28 -16.29 -2.19
CA ARG A 113 -6.59 -16.15 -3.61
C ARG A 113 -8.00 -16.68 -3.95
N ARG A 114 -8.35 -17.84 -3.39
CA ARG A 114 -9.68 -18.36 -3.59
C ARG A 114 -10.74 -17.43 -2.99
N ALA A 115 -10.45 -16.81 -1.86
CA ALA A 115 -11.40 -15.90 -1.20
C ALA A 115 -11.63 -14.64 -2.05
N ILE A 116 -10.55 -14.08 -2.59
CA ILE A 116 -10.70 -12.91 -3.44
C ILE A 116 -11.49 -13.26 -4.70
N ASN A 117 -11.18 -14.40 -5.29
CA ASN A 117 -11.91 -14.89 -6.47
C ASN A 117 -13.39 -14.92 -6.13
N ASP A 118 -13.69 -15.58 -5.03
CA ASP A 118 -15.08 -15.73 -4.62
C ASP A 118 -15.79 -14.42 -4.32
N SER A 119 -15.11 -13.50 -3.67
CA SER A 119 -15.69 -12.19 -3.41
C SER A 119 -16.07 -11.50 -4.71
N CYS A 120 -15.17 -11.54 -5.69
CA CYS A 120 -15.43 -10.94 -6.99
C CYS A 120 -16.64 -11.61 -7.70
N LEU A 121 -16.72 -12.94 -7.65
CA LEU A 121 -17.87 -13.63 -8.23
C LEU A 121 -19.14 -13.25 -7.52
N ASN A 122 -19.08 -13.15 -6.18
CA ASN A 122 -20.24 -12.74 -5.40
C ASN A 122 -20.63 -11.29 -5.61
N ALA A 123 -19.71 -10.49 -6.16
CA ALA A 123 -20.00 -9.11 -6.55
C ALA A 123 -20.55 -8.98 -7.95
N GLY A 124 -20.60 -10.09 -8.69
CA GLY A 124 -21.22 -10.10 -10.00
C GLY A 124 -20.25 -10.35 -11.13
N ALA A 125 -18.99 -10.62 -10.78
CA ALA A 125 -18.04 -10.98 -11.80
C ALA A 125 -18.45 -12.30 -12.48
N ARG A 126 -18.30 -12.35 -13.79
CA ARG A 126 -18.50 -13.61 -14.49
C ARG A 126 -17.19 -14.39 -14.57
N ARG A 127 -16.08 -13.67 -14.74
CA ARG A 127 -14.75 -14.27 -14.81
C ARG A 127 -13.83 -13.45 -13.93
N VAL A 128 -12.92 -14.13 -13.25
CA VAL A 128 -11.96 -13.46 -12.39
C VAL A 128 -10.55 -13.94 -12.69
N GLY A 129 -9.69 -12.98 -12.96
CA GLY A 129 -8.31 -13.28 -13.27
C GLY A 129 -7.42 -12.71 -12.20
N LEU A 130 -6.45 -13.49 -11.74
CA LEU A 130 -5.53 -12.95 -10.77
C LEU A 130 -4.21 -12.75 -11.48
N ILE A 131 -3.59 -11.61 -11.28
CA ILE A 131 -2.30 -11.42 -11.89
C ILE A 131 -1.32 -10.99 -10.81
N ASP A 132 -0.05 -11.28 -11.06
CA ASP A 132 0.95 -11.05 -10.06
C ASP A 132 1.14 -9.57 -9.86
N GLU A 133 1.00 -9.12 -8.61
CA GLU A 133 1.06 -7.72 -8.33
C GLU A 133 2.37 -7.02 -8.71
N PRO A 134 3.54 -7.67 -8.51
CA PRO A 134 4.75 -6.95 -8.90
C PRO A 134 4.83 -6.77 -10.38
N MET A 135 4.20 -7.66 -11.16
CA MET A 135 4.17 -7.47 -12.60
C MET A 135 3.38 -6.20 -12.89
N ALA A 136 2.29 -6.02 -12.14
CA ALA A 136 1.46 -4.83 -12.29
C ALA A 136 2.22 -3.55 -11.94
N ALA A 137 2.94 -3.57 -10.82
CA ALA A 137 3.69 -2.42 -10.36
C ALA A 137 4.73 -2.04 -11.38
N ALA A 138 5.46 -3.03 -11.89
CA ALA A 138 6.50 -2.81 -12.88
C ALA A 138 5.96 -2.20 -14.16
N ILE A 139 4.88 -2.78 -14.67
CA ILE A 139 4.26 -2.25 -15.89
C ILE A 139 3.81 -0.82 -15.66
N GLY A 140 3.17 -0.59 -14.53
CA GLY A 140 2.70 0.75 -14.20
C GLY A 140 3.80 1.77 -14.03
N ALA A 141 4.98 1.32 -13.58
CA ALA A 141 6.16 2.18 -13.45
C ALA A 141 6.93 2.37 -14.79
N GLY A 142 6.41 1.79 -15.85
CA GLY A 142 7.01 1.95 -17.19
C GLY A 142 8.23 1.08 -17.47
N LEU A 143 8.49 0.12 -16.58
CA LEU A 143 9.63 -0.79 -16.79
C LEU A 143 9.33 -1.67 -17.99
N PRO A 144 10.35 -1.93 -18.82
CA PRO A 144 10.25 -2.77 -20.02
C PRO A 144 10.40 -4.26 -19.67
N ILE A 145 9.38 -4.76 -18.99
CA ILE A 145 9.43 -6.08 -18.37
C ILE A 145 9.43 -7.22 -19.39
N HIS A 146 9.19 -6.90 -20.66
CA HIS A 146 9.29 -7.90 -21.72
C HIS A 146 10.74 -8.18 -22.15
N GLU A 147 11.64 -7.25 -21.85
CA GLU A 147 13.07 -7.44 -22.12
C GLU A 147 13.68 -8.60 -21.31
N PRO A 148 14.68 -9.28 -21.87
CA PRO A 148 15.43 -10.31 -21.14
C PRO A 148 16.10 -9.79 -19.87
N THR A 149 16.61 -8.56 -19.91
CA THR A 149 17.36 -8.05 -18.78
C THR A 149 16.45 -7.87 -17.54
N GLY A 150 16.96 -8.34 -16.40
CA GLY A 150 16.25 -8.24 -15.13
C GLY A 150 16.00 -6.80 -14.70
N SER A 151 14.85 -6.59 -14.08
CA SER A 151 14.48 -5.33 -13.46
C SER A 151 14.09 -5.58 -12.02
N MET A 152 14.51 -4.73 -11.11
CA MET A 152 14.07 -4.81 -9.74
C MET A 152 13.08 -3.70 -9.37
N VAL A 153 11.96 -4.10 -8.81
CA VAL A 153 10.96 -3.18 -8.31
C VAL A 153 10.83 -3.36 -6.78
N VAL A 154 10.87 -2.25 -6.06
CA VAL A 154 10.63 -2.20 -4.61
C VAL A 154 9.38 -1.38 -4.40
N ASP A 155 8.33 -2.02 -3.91
CA ASP A 155 6.99 -1.46 -3.80
C ASP A 155 6.69 -1.30 -2.31
N ILE A 156 6.82 -0.08 -1.82
CA ILE A 156 6.63 0.23 -0.41
C ILE A 156 5.19 0.68 -0.22
N GLY A 157 4.38 -0.20 0.35
CA GLY A 157 2.97 0.10 0.55
C GLY A 157 2.73 0.46 2.00
N GLY A 158 1.50 0.21 2.45
CA GLY A 158 1.12 0.49 3.81
C GLY A 158 1.66 -0.54 4.79
N GLY A 159 1.21 -1.77 4.61
CA GLY A 159 1.50 -2.84 5.55
C GLY A 159 2.68 -3.67 5.17
N THR A 160 3.13 -3.57 3.91
CA THR A 160 4.25 -4.36 3.45
C THR A 160 5.10 -3.59 2.45
N THR A 161 6.33 -4.07 2.34
CA THR A 161 7.23 -3.76 1.22
C THR A 161 7.49 -5.05 0.44
N GLU A 162 7.21 -4.97 -0.86
CA GLU A 162 7.35 -6.08 -1.78
C GLU A 162 8.49 -5.81 -2.72
N VAL A 163 9.47 -6.70 -2.73
CA VAL A 163 10.57 -6.60 -3.70
C VAL A 163 10.51 -7.75 -4.68
N ALA A 164 10.69 -7.42 -5.96
CA ALA A 164 10.69 -8.42 -7.00
C ALA A 164 11.73 -8.13 -8.05
N VAL A 165 12.24 -9.20 -8.67
CA VAL A 165 13.09 -9.10 -9.85
C VAL A 165 12.29 -9.74 -10.99
N LEU A 166 12.17 -9.05 -12.12
CA LEU A 166 11.36 -9.55 -13.23
C LEU A 166 12.22 -9.69 -14.45
N SER A 167 11.80 -10.56 -15.37
CA SER A 167 12.51 -10.76 -16.63
C SER A 167 11.58 -11.42 -17.63
N LEU A 168 11.63 -10.98 -18.88
CA LEU A 168 10.86 -11.59 -19.96
C LEU A 168 9.42 -11.85 -19.53
N SER A 169 8.78 -10.84 -18.93
CA SER A 169 7.36 -10.93 -18.61
C SER A 169 7.07 -11.95 -17.51
N GLY A 170 8.03 -12.20 -16.63
CA GLY A 170 7.87 -13.18 -15.56
C GLY A 170 8.60 -12.75 -14.30
N ILE A 171 8.05 -13.10 -13.13
CA ILE A 171 8.74 -12.87 -11.86
C ILE A 171 9.79 -13.94 -11.55
N VAL A 172 11.03 -13.54 -11.28
CA VAL A 172 12.08 -14.51 -10.97
C VAL A 172 12.40 -14.60 -9.49
N TYR A 173 12.22 -13.50 -8.80
CA TYR A 173 12.42 -13.46 -7.36
C TYR A 173 11.40 -12.53 -6.76
N SER A 174 10.90 -12.90 -5.58
CA SER A 174 9.97 -12.06 -4.84
C SER A 174 10.09 -12.27 -3.35
N ARG A 175 10.09 -11.17 -2.60
CA ARG A 175 10.10 -11.24 -1.14
C ARG A 175 9.29 -10.09 -0.54
N SER A 176 8.63 -10.42 0.56
CA SER A 176 7.75 -9.52 1.25
C SER A 176 8.18 -9.38 2.72
N VAL A 177 8.19 -8.14 3.21
CA VAL A 177 8.37 -7.87 4.64
C VAL A 177 7.30 -6.90 5.13
N ARG A 178 6.90 -7.07 6.38
CA ARG A 178 5.88 -6.26 6.99
C ARG A 178 6.46 -4.96 7.52
N VAL A 179 7.13 -4.24 6.63
CA VAL A 179 7.60 -2.87 6.94
C VAL A 179 7.21 -1.97 5.78
N GLY A 180 6.71 -0.82 6.10
CA GLY A 180 6.16 0.06 5.10
C GLY A 180 5.64 1.28 5.78
N GLY A 181 4.63 1.89 5.14
CA GLY A 181 4.12 3.16 5.58
C GLY A 181 3.52 3.08 6.98
N ASP A 182 2.84 1.97 7.30
CA ASP A 182 2.25 1.83 8.63
C ASP A 182 3.34 1.82 9.73
N LYS A 183 4.44 1.11 9.49
CA LYS A 183 5.53 1.05 10.47
C LYS A 183 6.13 2.42 10.66
N MET A 184 6.20 3.20 9.58
CA MET A 184 6.64 4.57 9.69
C MET A 184 5.69 5.36 10.60
N ASP A 185 4.38 5.27 10.34
CA ASP A 185 3.41 5.95 11.22
C ASP A 185 3.59 5.53 12.67
N GLU A 186 3.77 4.23 12.86
CA GLU A 186 3.83 3.67 14.21
C GLU A 186 5.11 4.15 14.91
N ALA A 187 6.19 4.33 14.16
CA ALA A 187 7.40 4.85 14.74
C ALA A 187 7.26 6.30 15.18
N ILE A 188 6.54 7.10 14.38
CA ILE A 188 6.23 8.46 14.78
C ILE A 188 5.36 8.45 16.04
N ILE A 189 4.38 7.56 16.11
CA ILE A 189 3.58 7.47 17.32
C ILE A 189 4.44 7.15 18.55
N SER A 190 5.29 6.14 18.41
CA SER A 190 6.16 5.76 19.51
C SER A 190 7.09 6.89 19.92
N TYR A 191 7.62 7.57 18.92
CA TYR A 191 8.53 8.70 19.15
C TYR A 191 7.85 9.83 19.96
N MET A 192 6.64 10.19 19.57
CA MET A 192 5.89 11.27 20.24
C MET A 192 5.58 10.91 21.70
N ARG A 193 5.28 9.63 21.93
CA ARG A 193 4.96 9.14 23.27
C ARG A 193 6.17 9.26 24.17
N ARG A 194 7.26 8.66 23.72
CA ARG A 194 8.45 8.54 24.56
C ARG A 194 9.24 9.84 24.66
N HIS A 195 9.32 10.61 23.58
CA HIS A 195 10.11 11.84 23.65
C HIS A 195 9.35 13.12 24.03
N HIS A 196 8.04 13.13 23.80
CA HIS A 196 7.22 14.31 24.05
C HIS A 196 6.05 14.05 24.98
N ASN A 197 5.95 12.83 25.49
CA ASN A 197 4.84 12.41 26.33
C ASN A 197 3.48 12.79 25.73
N LEU A 198 3.34 12.57 24.42
CA LEU A 198 2.10 12.90 23.76
C LEU A 198 1.63 11.67 22.98
N LEU A 199 0.36 11.31 23.18
CA LEU A 199 -0.27 10.20 22.48
C LEU A 199 -0.98 10.76 21.26
N ILE A 200 -0.60 10.28 20.08
CA ILE A 200 -1.22 10.73 18.85
C ILE A 200 -1.91 9.59 18.16
N GLY A 201 -2.91 9.91 17.36
CA GLY A 201 -3.64 8.93 16.59
C GLY A 201 -2.95 8.52 15.31
N GLU A 202 -3.43 7.44 14.71
CA GLU A 202 -2.73 6.91 13.55
C GLU A 202 -2.91 7.85 12.36
N THR A 203 -4.06 8.52 12.26
CA THR A 203 -4.28 9.45 11.16
C THR A 203 -3.41 10.73 11.27
N THR A 204 -3.28 11.26 12.47
CA THR A 204 -2.34 12.35 12.76
C THR A 204 -0.89 11.91 12.44
N ALA A 205 -0.51 10.68 12.83
CA ALA A 205 0.85 10.22 12.59
C ALA A 205 1.13 10.22 11.09
N GLU A 206 0.18 9.71 10.31
CA GLU A 206 0.34 9.72 8.86
C GLU A 206 0.47 11.15 8.32
N ARG A 207 -0.29 12.08 8.87
CA ARG A 207 -0.19 13.48 8.47
C ARG A 207 1.19 14.06 8.77
N ILE A 208 1.71 13.80 9.96
CA ILE A 208 3.09 14.20 10.27
C ILE A 208 4.09 13.61 9.25
N LYS A 209 3.98 12.32 8.98
CA LYS A 209 4.90 11.65 8.07
C LYS A 209 4.90 12.32 6.69
N LYS A 210 3.71 12.61 6.18
CA LYS A 210 3.57 13.30 4.91
C LYS A 210 4.15 14.72 4.90
N GLU A 211 3.88 15.49 5.96
CA GLU A 211 4.24 16.90 5.98
C GLU A 211 5.73 17.11 6.29
N ILE A 212 6.27 16.38 7.26
CA ILE A 212 7.68 16.60 7.66
C ILE A 212 8.58 15.35 7.65
N GLY A 213 8.02 14.19 7.35
CA GLY A 213 8.80 12.97 7.36
C GLY A 213 9.88 12.95 6.29
N THR A 214 10.98 12.30 6.64
CA THR A 214 12.10 12.16 5.72
C THR A 214 13.02 11.03 6.21
N ALA A 215 13.75 10.42 5.29
CA ALA A 215 14.64 9.28 5.56
C ALA A 215 16.03 9.75 6.01
N ARG A 216 16.25 11.06 5.93
CA ARG A 216 17.56 11.63 6.23
C ARG A 216 17.46 12.96 7.00
N ALA A 217 18.23 13.07 8.07
CA ALA A 217 18.25 14.28 8.90
C ALA A 217 18.64 15.51 8.10
N PRO A 218 18.03 16.68 8.40
CA PRO A 218 18.47 17.91 7.75
C PRO A 218 19.93 18.21 8.08
N GLY A 223 15.70 21.21 11.24
CA GLY A 223 15.20 21.96 10.08
C GLY A 223 13.85 22.60 10.33
N LEU A 224 12.87 22.37 9.46
CA LEU A 224 11.52 22.93 9.63
C LEU A 224 10.64 22.18 10.65
N SER A 225 9.55 22.83 11.06
CA SER A 225 8.72 22.39 12.19
C SER A 225 7.22 22.54 11.96
N ILE A 226 6.43 21.71 12.63
CA ILE A 226 4.97 21.79 12.56
C ILE A 226 4.36 21.58 13.95
N ASP A 227 3.10 21.94 14.10
CA ASP A 227 2.39 21.71 15.35
C ASP A 227 1.84 20.32 15.33
N VAL A 228 1.94 19.63 16.45
CA VAL A 228 1.35 18.30 16.60
C VAL A 228 0.46 18.34 17.84
N LYS A 229 -0.81 17.97 17.68
CA LYS A 229 -1.74 17.96 18.80
C LYS A 229 -2.10 16.54 19.14
N GLY A 230 -2.39 16.30 20.42
CA GLY A 230 -2.78 14.98 20.83
C GLY A 230 -3.19 14.91 22.29
N ARG A 231 -3.14 13.70 22.82
CA ARG A 231 -3.53 13.42 24.19
C ARG A 231 -2.26 13.39 25.08
N ASP A 232 -2.29 14.11 26.18
CA ASP A 232 -1.19 14.01 27.14
C ASP A 232 -1.07 12.59 27.68
N LEU A 233 0.17 12.08 27.69
CA LEU A 233 0.40 10.70 28.15
C LEU A 233 -0.08 10.40 29.59
N MET A 234 0.30 11.23 30.54
CA MET A 234 0.10 10.85 31.93
C MET A 234 -1.26 11.29 32.45
N GLN A 235 -1.71 12.48 32.08
CA GLN A 235 -2.92 13.06 32.64
C GLN A 235 -4.09 13.06 31.67
N GLY A 236 -3.83 12.88 30.36
CA GLY A 236 -4.93 12.68 29.42
C GLY A 236 -5.51 13.95 28.80
N VAL A 237 -5.10 15.12 29.28
CA VAL A 237 -5.63 16.35 28.69
C VAL A 237 -5.05 16.69 27.30
N PRO A 238 -5.88 17.24 26.39
CA PRO A 238 -5.34 17.58 25.06
C PRO A 238 -4.33 18.71 25.11
N ARG A 239 -3.28 18.58 24.32
CA ARG A 239 -2.28 19.64 24.20
C ARG A 239 -1.48 19.49 22.90
N GLU A 240 -0.53 20.40 22.70
CA GLU A 240 0.21 20.39 21.46
C GLU A 240 1.69 20.69 21.66
N VAL A 241 2.48 20.17 20.73
CA VAL A 241 3.90 20.36 20.79
C VAL A 241 4.41 20.62 19.39
N ARG A 242 5.61 21.19 19.29
CA ARG A 242 6.22 21.41 17.99
C ARG A 242 7.23 20.33 17.72
N ILE A 243 7.23 19.88 16.47
CA ILE A 243 8.10 18.81 16.00
C ILE A 243 8.80 19.21 14.73
N SER A 244 10.10 18.96 14.69
CA SER A 244 10.91 19.32 13.54
C SER A 244 11.25 18.15 12.64
N GLU A 245 11.81 18.46 11.46
CA GLU A 245 12.22 17.47 10.48
C GLU A 245 13.28 16.54 11.04
N LYS A 246 14.23 17.12 11.77
CA LYS A 246 15.26 16.36 12.44
C LYS A 246 14.63 15.36 13.39
N GLN A 247 13.59 15.78 14.10
CA GLN A 247 12.96 14.91 15.07
C GLN A 247 12.24 13.80 14.30
N ALA A 248 11.58 14.17 13.23
CA ALA A 248 10.86 13.18 12.45
C ALA A 248 11.82 12.19 11.79
N ALA A 249 12.96 12.68 11.33
CA ALA A 249 13.98 11.81 10.81
C ALA A 249 14.41 10.81 11.88
N ASP A 250 14.65 11.30 13.08
CA ASP A 250 15.05 10.41 14.16
C ASP A 250 13.94 9.37 14.40
N ALA A 251 12.68 9.77 14.26
CA ALA A 251 11.57 8.86 14.57
C ALA A 251 11.52 7.74 13.53
N LEU A 252 11.78 8.10 12.29
CA LEU A 252 11.59 7.18 11.18
C LEU A 252 12.82 6.33 10.89
N ALA A 253 13.92 6.55 11.59
CA ALA A 253 15.16 5.88 11.25
C ALA A 253 15.07 4.36 11.32
N GLU A 254 14.35 3.83 12.31
CA GLU A 254 14.25 2.39 12.44
C GLU A 254 13.50 1.76 11.26
N PRO A 255 12.24 2.17 11.01
CA PRO A 255 11.59 1.54 9.85
C PRO A 255 12.28 1.82 8.50
N VAL A 256 12.90 2.98 8.33
CA VAL A 256 13.66 3.22 7.10
C VAL A 256 14.78 2.20 7.00
N GLY A 257 15.49 1.97 8.08
CA GLY A 257 16.59 1.02 8.03
C GLY A 257 16.11 -0.38 7.68
N GLN A 258 14.93 -0.75 8.16
CA GLN A 258 14.37 -2.06 7.89
C GLN A 258 13.96 -2.22 6.41
N ILE A 259 13.46 -1.14 5.81
CA ILE A 259 13.19 -1.17 4.39
C ILE A 259 14.47 -1.31 3.56
N VAL A 260 15.52 -0.58 3.94
CA VAL A 260 16.78 -0.69 3.24
C VAL A 260 17.32 -2.10 3.37
N GLU A 261 17.16 -2.69 4.55
CA GLU A 261 17.62 -4.07 4.78
C GLU A 261 16.87 -5.06 3.92
N ALA A 262 15.56 -4.86 3.79
CA ALA A 262 14.78 -5.72 2.90
C ALA A 262 15.30 -5.63 1.46
N VAL A 263 15.67 -4.45 1.02
CA VAL A 263 16.20 -4.31 -0.33
C VAL A 263 17.53 -5.01 -0.44
N LYS A 264 18.39 -4.84 0.56
CA LYS A 264 19.67 -5.55 0.58
C LYS A 264 19.51 -7.08 0.53
N VAL A 265 18.59 -7.61 1.33
CA VAL A 265 18.38 -9.04 1.36
C VAL A 265 18.01 -9.56 -0.03
N ALA A 266 17.11 -8.85 -0.71
CA ALA A 266 16.69 -9.24 -2.05
C ALA A 266 17.84 -9.20 -3.02
N LEU A 267 18.62 -8.13 -2.95
CA LEU A 267 19.76 -8.00 -3.83
C LEU A 267 20.73 -9.15 -3.63
N GLU A 268 20.86 -9.58 -2.37
CA GLU A 268 21.85 -10.58 -2.01
C GLU A 268 21.46 -11.95 -2.55
N ALA A 269 20.18 -12.11 -2.88
CA ALA A 269 19.67 -13.38 -3.37
C ALA A 269 19.75 -13.46 -4.90
N THR A 270 20.20 -12.38 -5.54
CA THR A 270 20.17 -12.27 -7.00
C THR A 270 21.31 -13.05 -7.65
N PRO A 271 21.00 -13.95 -8.62
CA PRO A 271 22.08 -14.72 -9.24
C PRO A 271 22.91 -13.84 -10.18
N PRO A 272 24.12 -14.30 -10.54
CA PRO A 272 25.08 -13.44 -11.26
C PRO A 272 24.60 -12.64 -12.48
N GLU A 273 23.86 -13.27 -13.39
CA GLU A 273 23.54 -12.57 -14.62
C GLU A 273 22.50 -11.48 -14.35
N LEU A 274 21.53 -11.80 -13.49
CA LEU A 274 20.55 -10.81 -13.07
C LEU A 274 21.21 -9.70 -12.23
N ALA A 275 22.25 -10.04 -11.46
CA ALA A 275 22.91 -9.03 -10.62
C ALA A 275 23.58 -8.02 -11.54
N SER A 276 24.21 -8.53 -12.59
CA SER A 276 24.80 -7.70 -13.62
C SER A 276 23.76 -6.77 -14.23
N ASP A 277 22.60 -7.33 -14.59
CA ASP A 277 21.47 -6.55 -15.11
C ASP A 277 21.09 -5.41 -14.16
N ILE A 278 20.87 -5.73 -12.88
CA ILE A 278 20.45 -4.76 -11.90
C ILE A 278 21.52 -3.74 -11.56
N ALA A 279 22.78 -4.17 -11.58
CA ALA A 279 23.92 -3.27 -11.37
C ALA A 279 23.92 -2.16 -12.41
N ASP A 280 23.32 -2.41 -13.57
CA ASP A 280 23.32 -1.43 -14.64
C ASP A 280 22.11 -0.50 -14.51
N LYS A 281 20.93 -1.09 -14.45
CA LYS A 281 19.65 -0.37 -14.42
C LYS A 281 19.26 0.17 -13.04
N GLY A 282 19.67 -0.54 -12.01
CA GLY A 282 19.31 -0.15 -10.66
C GLY A 282 17.89 -0.50 -10.26
N ILE A 283 17.40 0.24 -9.29
CA ILE A 283 16.18 -0.16 -8.57
C ILE A 283 15.08 0.87 -8.81
N MET A 284 13.87 0.39 -9.09
CA MET A 284 12.70 1.25 -9.24
C MET A 284 11.83 1.19 -7.97
N LEU A 285 11.56 2.36 -7.38
CA LEU A 285 10.65 2.42 -6.22
C LEU A 285 9.22 2.78 -6.62
N THR A 286 8.25 2.04 -6.08
CA THR A 286 6.85 2.34 -6.32
C THR A 286 6.14 2.24 -4.96
N GLY A 287 4.85 2.55 -4.98
CA GLY A 287 4.07 2.54 -3.74
C GLY A 287 4.15 3.87 -3.03
N GLY A 288 3.16 4.13 -2.19
CA GLY A 288 3.10 5.38 -1.47
C GLY A 288 4.29 5.65 -0.57
N GLY A 289 4.90 4.60 -0.05
CA GLY A 289 6.09 4.73 0.75
C GLY A 289 7.27 5.33 -0.01
N ALA A 290 7.28 5.18 -1.32
CA ALA A 290 8.35 5.73 -2.14
C ALA A 290 8.33 7.24 -2.10
N LEU A 291 7.21 7.80 -1.64
CA LEU A 291 7.06 9.27 -1.54
C LEU A 291 7.78 9.84 -0.33
N LEU A 292 8.28 8.97 0.56
CA LEU A 292 9.01 9.47 1.73
C LEU A 292 10.29 10.19 1.29
N ARG A 293 10.37 11.48 1.62
CA ARG A 293 11.56 12.26 1.22
C ARG A 293 12.86 11.57 1.61
N GLY A 294 13.72 11.40 0.62
CA GLY A 294 15.06 10.91 0.85
C GLY A 294 15.20 9.39 0.91
N LEU A 295 14.09 8.64 0.72
CA LEU A 295 14.19 7.21 0.86
C LEU A 295 15.00 6.66 -0.31
N ASP A 296 14.77 7.21 -1.50
CA ASP A 296 15.58 6.82 -2.64
C ASP A 296 17.09 6.98 -2.36
N ALA A 297 17.49 8.09 -1.75
CA ALA A 297 18.90 8.36 -1.49
C ALA A 297 19.48 7.42 -0.45
N GLU A 298 18.68 7.05 0.53
CA GLU A 298 19.08 6.13 1.58
C GLU A 298 19.34 4.77 0.96
N ILE A 299 18.45 4.35 0.08
CA ILE A 299 18.62 3.05 -0.57
C ILE A 299 19.87 3.07 -1.47
N ARG A 300 20.03 4.15 -2.22
CA ARG A 300 21.19 4.28 -3.11
C ARG A 300 22.49 4.16 -2.32
N ASP A 301 22.53 4.87 -1.21
CA ASP A 301 23.74 4.92 -0.39
C ASP A 301 24.12 3.57 0.18
N HIS A 302 23.11 2.76 0.54
CA HIS A 302 23.40 1.52 1.21
C HIS A 302 23.62 0.38 0.23
N THR A 303 23.17 0.56 -1.00
CA THR A 303 23.31 -0.49 -2.02
C THR A 303 24.34 -0.18 -3.11
N GLY A 304 24.65 1.09 -3.31
CA GLY A 304 25.61 1.51 -4.33
C GLY A 304 25.00 1.45 -5.72
N LEU A 305 23.69 1.28 -5.77
CA LEU A 305 23.01 1.15 -7.05
C LEU A 305 22.11 2.36 -7.32
N PRO A 306 21.88 2.67 -8.62
CA PRO A 306 20.98 3.76 -8.97
C PRO A 306 19.60 3.46 -8.46
N VAL A 307 18.91 4.49 -7.96
CA VAL A 307 17.55 4.31 -7.47
C VAL A 307 16.68 5.38 -8.07
N THR A 308 15.60 4.95 -8.73
CA THR A 308 14.63 5.83 -9.34
C THR A 308 13.26 5.69 -8.68
N VAL A 309 12.52 6.80 -8.58
CA VAL A 309 11.19 6.77 -8.02
C VAL A 309 10.22 6.83 -9.18
N ALA A 310 9.27 5.91 -9.18
CA ALA A 310 8.32 5.83 -10.27
C ALA A 310 7.51 7.12 -10.35
N ASP A 311 7.07 7.42 -11.55
CA ASP A 311 6.08 8.44 -11.70
C ASP A 311 4.77 7.93 -11.05
N ASP A 312 4.16 8.77 -10.21
CA ASP A 312 2.83 8.44 -9.66
C ASP A 312 2.86 7.12 -8.87
N PRO A 313 3.79 7.04 -7.92
CA PRO A 313 3.99 5.74 -7.26
C PRO A 313 2.73 5.16 -6.60
N LEU A 314 1.79 5.99 -6.14
CA LEU A 314 0.55 5.44 -5.56
C LEU A 314 -0.32 4.69 -6.55
N SER A 315 -0.23 5.04 -7.82
CA SER A 315 -1.11 4.48 -8.84
C SER A 315 -0.45 3.46 -9.73
N CYS A 316 0.82 3.13 -9.53
CA CYS A 316 1.49 2.20 -10.46
C CYS A 316 0.81 0.87 -10.65
N VAL A 317 0.39 0.20 -9.57
CA VAL A 317 -0.24 -1.07 -9.68
C VAL A 317 -1.56 -0.99 -10.45
N ALA A 318 -2.38 0.04 -10.17
CA ALA A 318 -3.67 0.16 -10.86
C ALA A 318 -3.47 0.46 -12.37
N LEU A 319 -2.50 1.31 -12.67
CA LEU A 319 -2.15 1.63 -14.06
C LEU A 319 -1.65 0.39 -14.81
N GLY A 320 -0.85 -0.42 -14.13
CA GLY A 320 -0.31 -1.63 -14.69
C GLY A 320 -1.36 -2.67 -15.01
N CYS A 321 -2.23 -2.99 -14.06
CA CYS A 321 -3.25 -4.00 -14.37
C CYS A 321 -4.27 -3.42 -15.35
N GLY A 322 -4.41 -2.10 -15.35
CA GLY A 322 -5.28 -1.45 -16.33
C GLY A 322 -4.75 -1.72 -17.73
N LYS A 323 -3.43 -1.60 -17.91
CA LYS A 323 -2.82 -1.92 -19.21
C LYS A 323 -3.11 -3.34 -19.63
N VAL A 324 -3.00 -4.26 -18.69
CA VAL A 324 -3.26 -5.66 -18.94
C VAL A 324 -4.74 -5.88 -19.32
N LEU A 325 -5.64 -5.27 -18.54
CA LEU A 325 -7.08 -5.31 -18.84
C LEU A 325 -7.43 -4.86 -20.28
N GLU A 326 -6.81 -3.77 -20.71
CA GLU A 326 -7.02 -3.23 -22.05
C GLU A 326 -6.48 -4.18 -23.14
N HIS A 327 -5.59 -5.09 -22.78
CA HIS A 327 -5.03 -6.04 -23.76
C HIS A 327 -5.14 -7.47 -23.26
#